data_5UDJ
#
_entry.id   5UDJ
#
_cell.length_a   112.536
_cell.length_b   112.536
_cell.length_c   93.470
_cell.angle_alpha   90.000
_cell.angle_beta   90.000
_cell.angle_gamma   90.000
#
_symmetry.space_group_name_H-M   'P 42 2 2'
#
loop_
_entity.id
_entity.type
_entity.pdbx_description
1 polymer 'Interferon-induced protein with tetratricopeptide repeats 1'
2 polymer "RNA (5'-D(*(G3A))-R(P*AP*AP*A)-3')"
3 non-polymer 'TRIETHYLENE GLYCOL'
4 non-polymer 'CALCIUM ION'
5 water water
#
loop_
_entity_poly.entity_id
_entity_poly.type
_entity_poly.pdbx_seq_one_letter_code
_entity_poly.pdbx_strand_id
1 'polypeptide(L)'
;SMSTNGDDHQVKDSLEQLRCHFTWELSIDDDEMPDLENRVLDQIEFLDTKYSVGIHNLLAYVKHLKGQNEEALKSLKEAE
NLMQEEHDNQANVRSLVTWGNFAWMYYHMGRLAEAQTYLDKVENICKKLSNPFRYRMECPEIDCEEGWALLKCGGKNYER
AKACFEKVLEVDPENPESSAGYAISAYRLDGFKLATKNHKPFSLLPLRQAVRLNPDNGYIKVLLALKLQDEGQEAEGEKY
IEEALANMSSQTYVFRYAAKFYRRKGSVDKALELLKKALQETPTSVLLHHQIGLCYKAQMIQIKEATKGQPRGQNREKLD
KMIRSAIFHFESAVEKKPTFEVAHLDLARMYIEAGNHRKAEENFQKLLCMKPVVEETMQDIHFHYGRFQEFQKKSDVNAI
IHYLKAIKIEQASLTRDKSINSLKKLVLRKLRRKALDLESLSLLGFVYKLEGNMNEAEEYYERAERLAADFENSVRQGP
;
A
2 'polyribonucleotide' (G3A)AAA B
#
loop_
_chem_comp.id
_chem_comp.type
_chem_comp.name
_chem_comp.formula
A RNA linking ADENOSINE-5'-MONOPHOSPHATE 'C10 H14 N5 O7 P'
CA non-polymer 'CALCIUM ION' 'Ca 2'
G3A non-polymer GUANOSINE-P3-ADENOSINE-5',5'-TRIPHOSPHATE 'C20 H27 N10 O17 P3'
PGE non-polymer 'TRIETHYLENE GLYCOL' 'C6 H14 O4'
#
# COMPACT_ATOMS: atom_id res chain seq x y z
N HIS A 9 -29.86 -3.10 28.53
CA HIS A 9 -28.60 -3.08 27.79
C HIS A 9 -28.19 -4.41 27.14
N GLN A 10 -29.10 -5.38 27.16
CA GLN A 10 -28.81 -6.70 26.63
C GLN A 10 -28.54 -6.63 25.13
N VAL A 11 -29.24 -5.74 24.42
CA VAL A 11 -29.09 -5.71 22.96
C VAL A 11 -27.70 -5.25 22.60
N LYS A 12 -27.28 -4.10 23.12
CA LYS A 12 -25.98 -3.57 22.73
C LYS A 12 -24.88 -4.54 23.13
N ASP A 13 -24.99 -5.13 24.32
CA ASP A 13 -23.97 -6.08 24.75
C ASP A 13 -23.91 -7.29 23.83
N SER A 14 -25.07 -7.75 23.35
CA SER A 14 -25.10 -8.88 22.42
C SER A 14 -24.49 -8.47 21.09
N LEU A 15 -24.85 -7.28 20.59
CA LEU A 15 -24.28 -6.81 19.33
C LEU A 15 -22.76 -6.79 19.37
N GLU A 16 -22.19 -6.41 20.51
CA GLU A 16 -20.73 -6.37 20.63
C GLU A 16 -20.08 -7.74 20.60
N GLN A 17 -20.85 -8.82 20.78
N GLN A 17 -20.85 -8.81 20.79
CA GLN A 17 -20.30 -10.16 20.68
CA GLN A 17 -20.26 -10.14 20.66
C GLN A 17 -20.31 -10.73 19.26
C GLN A 17 -20.13 -10.60 19.22
N LEU A 18 -20.95 -10.05 18.32
CA LEU A 18 -20.98 -10.50 16.94
C LEU A 18 -19.64 -10.27 16.28
N ARG A 19 -19.31 -11.08 15.28
CA ARG A 19 -18.11 -10.89 14.47
C ARG A 19 -18.56 -10.35 13.13
N CYS A 20 -18.34 -9.07 12.89
CA CYS A 20 -18.79 -8.41 11.68
C CYS A 20 -18.09 -7.08 11.64
N HIS A 21 -18.33 -6.32 10.55
CA HIS A 21 -17.55 -5.12 10.35
C HIS A 21 -17.67 -4.15 11.51
N PHE A 22 -18.85 -4.07 12.11
CA PHE A 22 -19.05 -3.15 13.23
C PHE A 22 -18.17 -3.45 14.44
N THR A 23 -17.69 -4.69 14.62
CA THR A 23 -16.88 -5.05 15.78
C THR A 23 -15.42 -5.33 15.42
N TRP A 24 -15.03 -5.11 14.16
CA TRP A 24 -13.68 -5.43 13.70
C TRP A 24 -12.71 -4.24 13.78
N GLU A 25 -13.16 -3.09 14.32
CA GLU A 25 -12.28 -1.94 14.56
C GLU A 25 -11.45 -1.60 13.33
N LEU A 26 -12.14 -1.40 12.19
CA LEU A 26 -11.43 -1.16 10.95
C LEU A 26 -10.87 0.25 10.87
N SER A 27 -11.49 1.17 11.61
CA SER A 27 -10.97 2.54 11.76
C SER A 27 -10.84 3.25 10.42
N ILE A 28 -11.93 3.26 9.67
CA ILE A 28 -11.88 3.87 8.36
C ILE A 28 -11.89 5.39 8.54
N ASP A 29 -10.82 6.03 8.09
CA ASP A 29 -10.70 7.50 8.12
C ASP A 29 -11.47 8.19 7.01
N ASP A 30 -12.08 9.34 7.35
CA ASP A 30 -12.88 10.05 6.37
C ASP A 30 -12.10 10.37 5.10
N ASP A 31 -10.84 10.78 5.23
N ASP A 31 -10.83 10.76 5.23
CA ASP A 31 -10.14 11.20 4.01
CA ASP A 31 -10.10 11.19 4.04
C ASP A 31 -9.85 10.02 3.08
C ASP A 31 -9.68 10.02 3.14
N GLU A 32 -9.86 8.79 3.60
CA GLU A 32 -9.58 7.62 2.77
C GLU A 32 -10.85 6.92 2.29
N MET A 33 -12.01 7.41 2.72
CA MET A 33 -13.28 6.76 2.42
C MET A 33 -13.66 6.83 0.95
N PRO A 34 -13.48 7.95 0.25
CA PRO A 34 -13.80 7.96 -1.19
C PRO A 34 -13.02 6.91 -1.96
N ASP A 35 -11.71 6.82 -1.71
CA ASP A 35 -10.88 5.83 -2.40
C ASP A 35 -11.31 4.41 -2.02
N LEU A 36 -11.56 4.17 -0.73
CA LEU A 36 -11.99 2.82 -0.30
C LEU A 36 -13.26 2.41 -1.06
N GLU A 37 -14.22 3.33 -1.16
CA GLU A 37 -15.46 2.98 -1.83
C GLU A 37 -15.20 2.63 -3.29
N ASN A 38 -14.33 3.39 -3.95
CA ASN A 38 -14.01 3.11 -5.35
C ASN A 38 -13.34 1.74 -5.47
N ARG A 39 -12.46 1.39 -4.52
CA ARG A 39 -11.78 0.09 -4.60
C ARG A 39 -12.71 -1.07 -4.31
N VAL A 40 -13.68 -0.86 -3.45
CA VAL A 40 -14.70 -1.87 -3.18
C VAL A 40 -15.53 -2.09 -4.41
N LEU A 41 -15.97 -1.00 -5.08
CA LEU A 41 -16.76 -1.16 -6.28
C LEU A 41 -15.96 -1.84 -7.40
N ASP A 42 -14.68 -1.49 -7.54
CA ASP A 42 -13.80 -2.13 -8.51
C ASP A 42 -13.73 -3.63 -8.24
N GLN A 43 -13.59 -4.01 -6.95
CA GLN A 43 -13.45 -5.41 -6.60
C GLN A 43 -14.71 -6.20 -6.90
N ILE A 44 -15.87 -5.62 -6.60
CA ILE A 44 -17.13 -6.27 -6.93
C ILE A 44 -17.20 -6.58 -8.43
N GLU A 45 -16.82 -5.64 -9.27
CA GLU A 45 -16.99 -5.78 -10.71
CA GLU A 45 -16.99 -5.78 -10.71
C GLU A 45 -15.93 -6.65 -11.34
N PHE A 46 -14.69 -6.65 -10.82
CA PHE A 46 -13.55 -7.17 -11.55
C PHE A 46 -12.71 -8.24 -10.86
N LEU A 47 -12.85 -8.47 -9.56
CA LEU A 47 -12.06 -9.52 -8.90
C LEU A 47 -12.91 -10.76 -8.88
N ASP A 48 -12.39 -11.85 -9.41
CA ASP A 48 -13.14 -13.11 -9.49
C ASP A 48 -12.73 -13.94 -8.27
N THR A 49 -13.61 -14.02 -7.29
CA THR A 49 -13.39 -14.86 -6.11
C THR A 49 -14.58 -15.81 -5.95
N LYS A 50 -14.36 -16.88 -5.17
CA LYS A 50 -15.41 -17.87 -4.98
C LYS A 50 -16.61 -17.27 -4.27
N TYR A 51 -16.39 -16.53 -3.16
CA TYR A 51 -17.46 -15.90 -2.39
C TYR A 51 -17.34 -14.39 -2.49
N SER A 52 -18.47 -13.70 -2.64
CA SER A 52 -18.46 -12.24 -2.68
C SER A 52 -19.21 -11.63 -1.50
N VAL A 53 -19.57 -12.43 -0.51
CA VAL A 53 -20.31 -11.93 0.66
CA VAL A 53 -20.32 -11.91 0.63
C VAL A 53 -19.51 -10.85 1.37
N GLY A 54 -18.21 -11.09 1.59
CA GLY A 54 -17.41 -10.14 2.33
C GLY A 54 -17.42 -8.77 1.69
N ILE A 55 -17.18 -8.70 0.39
CA ILE A 55 -16.99 -7.40 -0.25
C ILE A 55 -18.29 -6.60 -0.27
N HIS A 56 -19.44 -7.25 -0.43
CA HIS A 56 -20.71 -6.55 -0.34
C HIS A 56 -21.03 -6.11 1.08
N ASN A 57 -20.65 -6.89 2.08
CA ASN A 57 -20.79 -6.44 3.48
C ASN A 57 -19.91 -5.21 3.74
N LEU A 58 -18.68 -5.17 3.19
CA LEU A 58 -17.86 -3.99 3.41
C LEU A 58 -18.47 -2.78 2.71
N LEU A 59 -19.01 -2.96 1.52
CA LEU A 59 -19.70 -1.84 0.88
C LEU A 59 -20.87 -1.31 1.73
N ALA A 60 -21.63 -2.20 2.36
CA ALA A 60 -22.69 -1.76 3.25
C ALA A 60 -22.14 -0.96 4.41
N TYR A 61 -21.06 -1.45 5.02
CA TYR A 61 -20.44 -0.72 6.11
C TYR A 61 -20.00 0.66 5.69
N VAL A 62 -19.38 0.78 4.51
CA VAL A 62 -19.00 2.08 3.97
C VAL A 62 -20.22 2.97 3.82
N LYS A 63 -21.29 2.46 3.20
CA LYS A 63 -22.50 3.26 3.02
C LYS A 63 -23.03 3.75 4.37
N HIS A 64 -23.01 2.89 5.37
CA HIS A 64 -23.40 3.31 6.72
C HIS A 64 -22.54 4.47 7.24
N LEU A 65 -21.23 4.38 7.05
CA LEU A 65 -20.34 5.41 7.55
C LEU A 65 -20.53 6.72 6.82
N LYS A 66 -21.01 6.66 5.57
CA LYS A 66 -21.35 7.82 4.76
C LYS A 66 -22.68 8.46 5.14
N GLY A 67 -23.47 7.84 6.03
CA GLY A 67 -24.80 8.32 6.41
C GLY A 67 -25.90 7.87 5.50
N GLN A 68 -25.71 6.76 4.79
CA GLN A 68 -26.65 6.23 3.83
C GLN A 68 -27.09 4.83 4.31
N ASN A 69 -27.87 4.79 5.37
CA ASN A 69 -28.25 3.49 5.93
C ASN A 69 -29.20 2.70 5.03
N GLU A 70 -30.09 3.38 4.29
CA GLU A 70 -30.96 2.60 3.43
C GLU A 70 -30.15 1.99 2.29
N GLU A 71 -29.13 2.71 1.80
CA GLU A 71 -28.24 2.12 0.79
C GLU A 71 -27.44 0.96 1.36
N ALA A 72 -27.03 1.08 2.63
CA ALA A 72 -26.33 -0.02 3.29
C ALA A 72 -27.18 -1.28 3.30
N LEU A 73 -28.46 -1.14 3.68
CA LEU A 73 -29.31 -2.32 3.73
C LEU A 73 -29.44 -2.99 2.37
N LYS A 74 -29.45 -2.19 1.29
CA LYS A 74 -29.51 -2.78 -0.04
C LYS A 74 -28.31 -3.66 -0.33
N SER A 75 -27.12 -3.25 0.12
CA SER A 75 -25.93 -4.05 -0.10
C SER A 75 -25.98 -5.32 0.74
N LEU A 76 -26.53 -5.25 1.95
CA LEU A 76 -26.64 -6.47 2.75
C LEU A 76 -27.63 -7.44 2.12
N LYS A 77 -28.72 -6.93 1.56
CA LYS A 77 -29.65 -7.80 0.87
C LYS A 77 -29.03 -8.41 -0.38
N GLU A 78 -28.18 -7.66 -1.08
CA GLU A 78 -27.48 -8.21 -2.24
C GLU A 78 -26.51 -9.31 -1.82
N ALA A 79 -25.83 -9.11 -0.68
CA ALA A 79 -24.93 -10.14 -0.19
C ALA A 79 -25.67 -11.44 0.03
N GLU A 80 -26.87 -11.36 0.62
CA GLU A 80 -27.67 -12.56 0.85
C GLU A 80 -28.15 -13.16 -0.46
N ASN A 81 -28.60 -12.32 -1.39
CA ASN A 81 -29.09 -12.81 -2.67
C ASN A 81 -27.99 -13.54 -3.45
N LEU A 82 -26.79 -12.96 -3.50
CA LEU A 82 -25.69 -13.57 -4.25
C LEU A 82 -25.24 -14.86 -3.61
N MET A 83 -25.25 -14.94 -2.28
CA MET A 83 -24.81 -16.13 -1.58
C MET A 83 -25.59 -17.36 -2.04
N GLN A 84 -26.90 -17.20 -2.23
CA GLN A 84 -27.74 -18.32 -2.65
C GLN A 84 -27.67 -18.55 -4.15
N GLU A 85 -27.84 -17.48 -4.95
CA GLU A 85 -27.95 -17.61 -6.39
C GLU A 85 -26.76 -18.35 -6.99
N GLU A 86 -25.57 -18.13 -6.44
CA GLU A 86 -24.34 -18.64 -7.03
C GLU A 86 -23.74 -19.80 -6.25
N HIS A 87 -24.48 -20.41 -5.32
CA HIS A 87 -23.94 -21.55 -4.57
C HIS A 87 -25.04 -22.56 -4.26
N ASP A 88 -25.97 -22.76 -5.20
CA ASP A 88 -27.01 -23.78 -5.11
C ASP A 88 -27.93 -23.57 -3.91
N ASN A 89 -28.15 -22.32 -3.53
CA ASN A 89 -29.06 -21.97 -2.43
C ASN A 89 -28.69 -22.68 -1.12
N GLN A 90 -27.44 -23.11 -0.98
CA GLN A 90 -27.02 -23.80 0.23
C GLN A 90 -26.73 -22.82 1.36
N ALA A 91 -26.94 -23.30 2.59
CA ALA A 91 -26.62 -22.51 3.79
C ALA A 91 -25.11 -22.46 3.99
N ASN A 92 -24.63 -21.29 4.44
CA ASN A 92 -23.20 -21.06 4.57
C ASN A 92 -22.97 -20.16 5.76
N VAL A 93 -21.98 -20.54 6.56
CA VAL A 93 -21.72 -19.81 7.78
C VAL A 93 -21.29 -18.37 7.53
N ARG A 94 -20.83 -18.04 6.32
CA ARG A 94 -20.45 -16.66 6.03
C ARG A 94 -21.65 -15.72 6.17
N SER A 95 -22.86 -16.27 6.07
CA SER A 95 -24.07 -15.49 6.28
C SER A 95 -24.09 -14.84 7.64
N LEU A 96 -23.38 -15.40 8.61
CA LEU A 96 -23.46 -14.81 9.93
C LEU A 96 -22.85 -13.41 9.97
N VAL A 97 -21.88 -13.10 9.08
CA VAL A 97 -21.35 -11.75 9.01
C VAL A 97 -22.45 -10.80 8.55
N THR A 98 -23.13 -11.18 7.48
CA THR A 98 -24.27 -10.41 6.97
C THR A 98 -25.33 -10.19 8.04
N TRP A 99 -25.74 -11.26 8.76
CA TRP A 99 -26.76 -11.11 9.79
C TRP A 99 -26.31 -10.20 10.92
N GLY A 100 -25.02 -10.29 11.27
CA GLY A 100 -24.48 -9.43 12.29
C GLY A 100 -24.52 -7.98 11.87
N ASN A 101 -24.18 -7.71 10.61
CA ASN A 101 -24.27 -6.35 10.10
C ASN A 101 -25.73 -5.87 10.01
N PHE A 102 -26.68 -6.76 9.65
CA PHE A 102 -28.08 -6.38 9.71
C PHE A 102 -28.48 -5.99 11.13
N ALA A 103 -28.05 -6.77 12.14
CA ALA A 103 -28.46 -6.45 13.50
C ALA A 103 -27.96 -5.09 13.92
N TRP A 104 -26.71 -4.79 13.60
CA TRP A 104 -26.15 -3.48 13.92
C TRP A 104 -26.87 -2.39 13.15
N MET A 105 -27.10 -2.60 11.85
CA MET A 105 -27.77 -1.58 11.06
C MET A 105 -29.15 -1.26 11.60
N TYR A 106 -29.94 -2.29 11.89
CA TYR A 106 -31.26 -2.06 12.45
C TYR A 106 -31.20 -1.38 13.83
N TYR A 107 -30.21 -1.72 14.64
CA TYR A 107 -30.04 -1.05 15.92
C TYR A 107 -29.78 0.44 15.70
N HIS A 108 -28.87 0.77 14.80
CA HIS A 108 -28.55 2.18 14.54
C HIS A 108 -29.75 2.92 13.93
N MET A 109 -30.56 2.22 13.16
CA MET A 109 -31.76 2.84 12.58
C MET A 109 -32.97 2.87 13.53
N GLY A 110 -32.88 2.30 14.73
CA GLY A 110 -34.02 2.25 15.64
C GLY A 110 -35.06 1.19 15.35
N ARG A 111 -34.77 0.27 14.45
CA ARG A 111 -35.63 -0.88 14.15
C ARG A 111 -35.22 -2.02 15.07
N LEU A 112 -35.54 -1.83 16.35
CA LEU A 112 -34.94 -2.63 17.39
C LEU A 112 -35.53 -4.04 17.44
N ALA A 113 -36.79 -4.21 17.05
CA ALA A 113 -37.35 -5.55 16.99
C ALA A 113 -36.64 -6.38 15.92
N GLU A 114 -36.38 -5.77 14.77
CA GLU A 114 -35.65 -6.46 13.72
C GLU A 114 -34.21 -6.75 14.14
N ALA A 115 -33.56 -5.84 14.83
CA ALA A 115 -32.19 -6.12 15.29
C ALA A 115 -32.20 -7.39 16.13
N GLN A 116 -33.18 -7.50 17.01
CA GLN A 116 -33.27 -8.68 17.87
C GLN A 116 -33.54 -9.94 17.04
N THR A 117 -34.34 -9.85 16.00
CA THR A 117 -34.54 -10.99 15.11
C THR A 117 -33.22 -11.50 14.54
N TYR A 118 -32.34 -10.59 14.11
CA TYR A 118 -31.06 -11.02 13.56
C TYR A 118 -30.13 -11.57 14.64
N LEU A 119 -30.12 -11.00 15.86
CA LEU A 119 -29.38 -11.62 16.94
C LEU A 119 -29.86 -13.05 17.12
N ASP A 120 -31.18 -13.26 17.08
CA ASP A 120 -31.73 -14.60 17.34
C ASP A 120 -31.32 -15.57 16.23
N LYS A 121 -31.26 -15.10 14.98
CA LYS A 121 -30.79 -15.95 13.88
C LYS A 121 -29.37 -16.40 14.10
N VAL A 122 -28.48 -15.49 14.52
CA VAL A 122 -27.08 -15.84 14.75
C VAL A 122 -26.99 -16.84 15.90
N GLU A 123 -27.72 -16.57 16.98
CA GLU A 123 -27.70 -17.47 18.14
C GLU A 123 -28.11 -18.88 17.74
N ASN A 124 -29.16 -18.98 16.92
CA ASN A 124 -29.65 -20.28 16.48
C ASN A 124 -28.58 -21.07 15.73
N ILE A 125 -27.77 -20.38 14.91
CA ILE A 125 -26.73 -21.08 14.19
C ILE A 125 -25.57 -21.44 15.11
N CYS A 126 -25.21 -20.55 16.03
CA CYS A 126 -24.13 -20.87 16.94
C CYS A 126 -24.50 -22.09 17.79
N LYS A 127 -25.79 -22.25 18.12
CA LYS A 127 -26.20 -23.42 18.92
C LYS A 127 -26.18 -24.70 18.09
N LYS A 128 -26.74 -24.63 16.87
CA LYS A 128 -26.77 -25.77 15.98
C LYS A 128 -25.37 -26.32 15.71
N LEU A 129 -24.36 -25.46 15.65
CA LEU A 129 -22.99 -25.89 15.35
C LEU A 129 -22.15 -26.15 16.60
N SER A 130 -22.77 -26.16 17.78
CA SER A 130 -22.04 -26.46 19.03
C SER A 130 -20.90 -25.49 19.27
N ASN A 131 -21.13 -24.24 18.83
CA ASN A 131 -20.19 -23.18 19.08
C ASN A 131 -20.19 -22.83 20.57
N PRO A 132 -19.04 -22.63 21.19
CA PRO A 132 -19.03 -22.30 22.62
C PRO A 132 -19.68 -20.98 22.95
N PHE A 133 -19.69 -20.02 22.00
CA PHE A 133 -20.22 -18.73 22.30
C PHE A 133 -21.64 -18.60 21.78
N ARG A 134 -22.41 -17.70 22.39
CA ARG A 134 -23.80 -17.51 21.97
C ARG A 134 -23.87 -16.79 20.63
N TYR A 135 -23.04 -15.78 20.46
CA TYR A 135 -23.12 -14.93 19.27
C TYR A 135 -21.83 -14.83 18.47
N ARG A 136 -20.68 -15.16 19.06
CA ARG A 136 -19.38 -14.98 18.45
C ARG A 136 -19.00 -16.30 17.79
N MET A 137 -19.19 -16.39 16.47
CA MET A 137 -19.01 -17.66 15.75
C MET A 137 -17.53 -17.95 15.50
N GLU A 138 -17.03 -19.09 16.00
CA GLU A 138 -15.61 -19.44 15.91
C GLU A 138 -15.47 -20.47 14.82
N CYS A 139 -15.03 -20.03 13.64
CA CYS A 139 -14.87 -20.94 12.51
C CYS A 139 -13.87 -20.30 11.55
N PRO A 140 -13.18 -21.11 10.75
CA PRO A 140 -12.14 -20.55 9.88
C PRO A 140 -12.69 -19.60 8.85
N GLU A 141 -13.93 -19.82 8.37
CA GLU A 141 -14.47 -18.96 7.32
C GLU A 141 -14.59 -17.52 7.81
N ILE A 142 -15.04 -17.36 9.04
CA ILE A 142 -15.17 -16.02 9.57
C ILE A 142 -13.84 -15.41 10.00
N ASP A 143 -12.86 -16.20 10.47
CA ASP A 143 -11.48 -15.70 10.59
C ASP A 143 -11.01 -15.14 9.25
N CYS A 144 -11.26 -15.88 8.16
CA CYS A 144 -10.87 -15.38 6.84
C CYS A 144 -11.58 -14.09 6.52
N GLU A 145 -12.90 -14.04 6.74
CA GLU A 145 -13.65 -12.82 6.43
C GLU A 145 -13.09 -11.63 7.18
N GLU A 146 -12.76 -11.79 8.46
CA GLU A 146 -12.17 -10.72 9.24
C GLU A 146 -10.85 -10.26 8.59
N GLY A 147 -10.02 -11.21 8.19
CA GLY A 147 -8.77 -10.91 7.51
C GLY A 147 -8.92 -10.16 6.19
N TRP A 148 -9.86 -10.58 5.36
CA TRP A 148 -10.06 -9.89 4.07
C TRP A 148 -10.56 -8.46 4.29
N ALA A 149 -11.41 -8.25 5.31
CA ALA A 149 -11.89 -6.88 5.59
C ALA A 149 -10.71 -6.00 6.02
N LEU A 150 -9.87 -6.47 6.93
CA LEU A 150 -8.69 -5.73 7.41
C LEU A 150 -7.76 -5.44 6.25
N LEU A 151 -7.58 -6.42 5.37
CA LEU A 151 -6.65 -6.28 4.26
C LEU A 151 -7.12 -5.25 3.23
N LYS A 152 -8.41 -5.02 3.12
CA LYS A 152 -8.97 -4.02 2.21
C LYS A 152 -8.90 -2.61 2.78
N CYS A 153 -8.76 -2.47 4.11
CA CYS A 153 -8.99 -1.21 4.78
C CYS A 153 -7.69 -0.54 5.22
N GLY A 154 -6.61 -0.72 4.46
CA GLY A 154 -5.43 0.11 4.63
C GLY A 154 -4.32 -0.56 5.43
N GLY A 155 -3.09 -0.12 5.12
CA GLY A 155 -1.89 -0.67 5.67
C GLY A 155 -1.79 -0.77 7.19
N LYS A 156 -2.43 0.16 7.93
CA LYS A 156 -2.35 0.10 9.40
C LYS A 156 -2.98 -1.16 9.96
N ASN A 157 -3.79 -1.84 9.14
CA ASN A 157 -4.49 -3.06 9.57
C ASN A 157 -3.83 -4.36 9.14
N TYR A 158 -2.65 -4.30 8.52
CA TYR A 158 -2.15 -5.51 7.86
C TYR A 158 -1.57 -6.53 8.85
N GLU A 159 -0.94 -6.09 9.95
CA GLU A 159 -0.51 -7.08 10.94
C GLU A 159 -1.70 -7.84 11.52
N ARG A 160 -2.79 -7.13 11.80
CA ARG A 160 -4.01 -7.82 12.24
C ARG A 160 -4.55 -8.76 11.17
N ALA A 161 -4.52 -8.34 9.89
CA ALA A 161 -5.03 -9.20 8.83
C ALA A 161 -4.24 -10.49 8.78
N LYS A 162 -2.92 -10.38 8.78
CA LYS A 162 -2.05 -11.54 8.67
C LYS A 162 -2.35 -12.50 9.80
N ALA A 163 -2.57 -11.95 11.00
CA ALA A 163 -2.82 -12.80 12.16
C ALA A 163 -4.13 -13.57 12.06
N CYS A 164 -5.17 -12.97 11.41
CA CYS A 164 -6.43 -13.66 11.16
C CYS A 164 -6.21 -14.88 10.33
N PHE A 165 -5.44 -14.75 9.25
CA PHE A 165 -5.21 -15.89 8.38
C PHE A 165 -4.27 -16.92 9.04
N GLU A 166 -3.28 -16.43 9.78
CA GLU A 166 -2.35 -17.32 10.46
C GLU A 166 -3.08 -18.22 11.44
N LYS A 167 -4.10 -17.67 12.09
CA LYS A 167 -4.87 -18.43 13.07
C LYS A 167 -5.47 -19.67 12.44
N VAL A 168 -5.96 -19.53 11.20
CA VAL A 168 -6.50 -20.66 10.46
C VAL A 168 -5.42 -21.65 10.11
N LEU A 169 -4.28 -21.15 9.62
CA LEU A 169 -3.21 -22.05 9.15
C LEU A 169 -2.59 -22.84 10.29
N GLU A 170 -2.67 -22.31 11.50
CA GLU A 170 -2.12 -23.04 12.64
C GLU A 170 -2.91 -24.29 12.97
N VAL A 171 -4.13 -24.41 12.45
N VAL A 171 -4.15 -24.38 12.49
CA VAL A 171 -4.94 -25.61 12.65
CA VAL A 171 -4.96 -25.58 12.65
C VAL A 171 -5.26 -26.34 11.35
C VAL A 171 -5.00 -26.40 11.35
N ASP A 172 -5.03 -25.70 10.20
CA ASP A 172 -5.23 -26.34 8.90
C ASP A 172 -4.21 -25.76 7.92
N PRO A 173 -3.03 -26.33 7.87
CA PRO A 173 -1.94 -25.73 7.09
C PRO A 173 -2.16 -25.75 5.60
N GLU A 174 -3.11 -26.53 5.07
CA GLU A 174 -3.35 -26.56 3.63
C GLU A 174 -4.67 -25.89 3.25
N ASN A 175 -5.19 -25.02 4.11
CA ASN A 175 -6.44 -24.30 3.84
C ASN A 175 -6.20 -23.32 2.70
N PRO A 176 -6.84 -23.46 1.55
CA PRO A 176 -6.44 -22.62 0.43
C PRO A 176 -6.70 -21.14 0.66
N GLU A 177 -7.85 -20.81 1.23
CA GLU A 177 -8.23 -19.40 1.34
C GLU A 177 -7.31 -18.65 2.28
N SER A 178 -7.06 -19.24 3.44
CA SER A 178 -6.21 -18.56 4.41
C SER A 178 -4.76 -18.58 3.95
N SER A 179 -4.37 -19.59 3.17
N SER A 179 -4.36 -19.58 3.16
CA SER A 179 -3.03 -19.55 2.60
CA SER A 179 -3.01 -19.55 2.59
C SER A 179 -2.86 -18.32 1.70
C SER A 179 -2.85 -18.32 1.68
N ALA A 180 -3.88 -18.04 0.88
CA ALA A 180 -3.85 -16.87 0.00
C ALA A 180 -3.83 -15.56 0.79
N GLY A 181 -4.73 -15.41 1.77
CA GLY A 181 -4.74 -14.19 2.56
C GLY A 181 -3.47 -13.98 3.36
N TYR A 182 -2.94 -15.05 3.96
CA TYR A 182 -1.68 -14.94 4.69
C TYR A 182 -0.56 -14.48 3.74
N ALA A 183 -0.52 -15.03 2.53
CA ALA A 183 0.56 -14.70 1.61
C ALA A 183 0.46 -13.25 1.13
N ILE A 184 -0.77 -12.78 0.83
CA ILE A 184 -0.93 -11.40 0.37
C ILE A 184 -0.57 -10.43 1.49
N SER A 185 -1.06 -10.70 2.72
CA SER A 185 -0.74 -9.87 3.88
C SER A 185 0.78 -9.81 4.08
N ALA A 186 1.42 -10.98 4.06
CA ALA A 186 2.87 -11.06 4.24
C ALA A 186 3.62 -10.32 3.14
N TYR A 187 3.17 -10.45 1.89
CA TYR A 187 3.79 -9.74 0.77
C TYR A 187 3.75 -8.24 1.02
N ARG A 188 2.59 -7.73 1.44
CA ARG A 188 2.45 -6.27 1.58
C ARG A 188 3.29 -5.77 2.74
N LEU A 189 3.37 -6.59 3.79
CA LEU A 189 4.22 -6.24 4.94
C LEU A 189 5.69 -6.28 4.54
N ASP A 190 6.10 -7.24 3.71
CA ASP A 190 7.46 -7.26 3.17
C ASP A 190 7.71 -5.99 2.38
N GLY A 191 6.71 -5.47 1.67
CA GLY A 191 6.90 -4.25 0.93
C GLY A 191 7.16 -3.03 1.80
N PHE A 192 6.59 -3.02 2.99
CA PHE A 192 6.86 -1.93 3.92
C PHE A 192 8.32 -1.88 4.29
N LYS A 193 8.99 -3.04 4.32
CA LYS A 193 10.36 -3.14 4.76
C LYS A 193 11.37 -3.24 3.65
N LEU A 194 10.95 -3.12 2.39
CA LEU A 194 11.77 -3.50 1.25
C LEU A 194 13.06 -2.70 1.11
N ALA A 195 13.14 -1.50 1.69
CA ALA A 195 14.36 -0.70 1.59
C ALA A 195 15.18 -0.69 2.89
N THR A 196 14.79 -1.48 3.88
CA THR A 196 15.50 -1.51 5.16
C THR A 196 16.65 -2.51 5.07
N LYS A 197 17.73 -2.23 5.80
CA LYS A 197 18.91 -3.06 5.70
C LYS A 197 18.63 -4.50 6.15
N ASN A 198 19.11 -5.45 5.37
CA ASN A 198 19.00 -6.89 5.69
C ASN A 198 17.54 -7.36 5.71
N HIS A 199 16.64 -6.69 4.99
CA HIS A 199 15.27 -7.17 4.91
C HIS A 199 15.25 -8.57 4.28
N LYS A 200 14.27 -9.38 4.70
CA LYS A 200 14.19 -10.74 4.20
C LYS A 200 12.86 -11.05 3.54
N PRO A 201 12.82 -12.08 2.65
CA PRO A 201 11.55 -12.39 1.89
C PRO A 201 10.66 -13.37 2.65
N PHE A 202 10.09 -12.90 3.75
CA PHE A 202 9.17 -13.73 4.53
C PHE A 202 7.97 -14.19 3.72
N SER A 203 7.56 -13.44 2.70
CA SER A 203 6.37 -13.80 1.94
C SER A 203 6.63 -14.78 0.80
N LEU A 204 7.89 -15.11 0.48
CA LEU A 204 8.14 -15.96 -0.68
C LEU A 204 7.57 -17.37 -0.51
N LEU A 205 7.94 -18.06 0.55
CA LEU A 205 7.42 -19.42 0.75
C LEU A 205 5.92 -19.42 0.92
N PRO A 206 5.31 -18.49 1.67
CA PRO A 206 3.83 -18.41 1.67
C PRO A 206 3.21 -18.24 0.31
N LEU A 207 3.79 -17.40 -0.55
CA LEU A 207 3.24 -17.22 -1.88
C LEU A 207 3.37 -18.49 -2.71
N ARG A 208 4.48 -19.22 -2.59
CA ARG A 208 4.60 -20.48 -3.32
C ARG A 208 3.51 -21.45 -2.90
N GLN A 209 3.24 -21.52 -1.58
CA GLN A 209 2.22 -22.42 -1.04
C GLN A 209 0.84 -21.97 -1.47
N ALA A 210 0.61 -20.66 -1.48
CA ALA A 210 -0.70 -20.21 -1.93
C ALA A 210 -0.98 -20.51 -3.40
N VAL A 211 0.04 -20.40 -4.26
CA VAL A 211 -0.12 -20.77 -5.66
C VAL A 211 -0.38 -22.26 -5.78
N ARG A 212 0.33 -23.06 -4.98
CA ARG A 212 0.10 -24.50 -5.00
C ARG A 212 -1.36 -24.84 -4.67
N LEU A 213 -1.90 -24.24 -3.61
CA LEU A 213 -3.22 -24.53 -3.09
C LEU A 213 -4.35 -23.83 -3.85
N ASN A 214 -4.04 -22.80 -4.66
CA ASN A 214 -5.02 -22.01 -5.41
C ASN A 214 -4.55 -21.89 -6.85
N PRO A 215 -4.54 -22.99 -7.59
CA PRO A 215 -3.81 -22.99 -8.87
C PRO A 215 -4.46 -22.13 -9.92
N ASP A 216 -5.70 -21.75 -9.73
CA ASP A 216 -6.37 -20.91 -10.72
C ASP A 216 -6.33 -19.42 -10.36
N ASN A 217 -5.65 -19.04 -9.28
CA ASN A 217 -5.70 -17.66 -8.77
C ASN A 217 -4.56 -16.85 -9.37
N GLY A 218 -4.92 -15.95 -10.30
CA GLY A 218 -3.92 -15.16 -10.98
C GLY A 218 -3.36 -14.02 -10.14
N TYR A 219 -4.16 -13.51 -9.20
CA TYR A 219 -3.70 -12.47 -8.28
C TYR A 219 -2.47 -12.91 -7.49
N ILE A 220 -2.51 -14.12 -6.93
N ILE A 220 -2.54 -14.13 -6.95
CA ILE A 220 -1.31 -14.49 -6.16
CA ILE A 220 -1.42 -14.67 -6.18
C ILE A 220 -0.16 -14.91 -7.06
C ILE A 220 -0.20 -14.88 -7.05
N LYS A 221 -0.41 -15.39 -8.27
CA LYS A 221 0.70 -15.64 -9.18
C LYS A 221 1.48 -14.39 -9.48
N VAL A 222 0.80 -13.24 -9.71
CA VAL A 222 1.59 -12.07 -10.09
C VAL A 222 2.35 -11.52 -8.90
N LEU A 223 1.84 -11.67 -7.69
CA LEU A 223 2.62 -11.29 -6.52
C LEU A 223 3.82 -12.21 -6.32
N LEU A 224 3.63 -13.52 -6.55
CA LEU A 224 4.78 -14.44 -6.50
C LEU A 224 5.84 -14.04 -7.50
N ALA A 225 5.39 -13.68 -8.72
CA ALA A 225 6.32 -13.24 -9.75
C ALA A 225 7.11 -12.00 -9.30
N LEU A 226 6.42 -11.02 -8.71
CA LEU A 226 7.10 -9.83 -8.24
C LEU A 226 8.09 -10.12 -7.11
N LYS A 227 7.75 -11.01 -6.17
CA LYS A 227 8.70 -11.33 -5.10
C LYS A 227 9.89 -12.08 -5.64
N LEU A 228 9.68 -12.95 -6.63
CA LEU A 228 10.82 -13.62 -7.29
C LEU A 228 11.71 -12.59 -7.98
N GLN A 229 11.10 -11.59 -8.64
CA GLN A 229 11.89 -10.54 -9.25
C GLN A 229 12.67 -9.76 -8.19
N ASP A 230 12.04 -9.46 -7.04
CA ASP A 230 12.75 -8.81 -5.93
C ASP A 230 14.00 -9.58 -5.52
N GLU A 231 13.90 -10.90 -5.53
CA GLU A 231 14.94 -11.78 -5.03
C GLU A 231 15.91 -12.21 -6.12
N GLY A 232 15.86 -11.59 -7.28
CA GLY A 232 16.83 -11.86 -8.35
C GLY A 232 16.52 -13.08 -9.16
N GLN A 233 15.26 -13.45 -9.28
N GLN A 233 15.26 -13.46 -9.27
CA GLN A 233 14.84 -14.63 -10.05
CA GLN A 233 14.80 -14.63 -9.99
C GLN A 233 13.74 -14.19 -11.01
C GLN A 233 13.73 -14.21 -11.01
N GLU A 234 14.06 -13.19 -11.82
CA GLU A 234 13.11 -12.62 -12.78
C GLU A 234 12.63 -13.64 -13.79
N ALA A 235 13.53 -14.47 -14.31
CA ALA A 235 13.09 -15.45 -15.30
C ALA A 235 12.06 -16.43 -14.73
N GLU A 236 12.27 -16.92 -13.51
CA GLU A 236 11.27 -17.77 -12.89
C GLU A 236 9.96 -17.01 -12.71
N GLY A 237 10.06 -15.77 -12.25
CA GLY A 237 8.87 -14.98 -12.04
C GLY A 237 8.09 -14.76 -13.32
N GLU A 238 8.81 -14.53 -14.43
CA GLU A 238 8.11 -14.22 -15.65
C GLU A 238 7.21 -15.38 -16.08
N LYS A 239 7.56 -16.62 -15.73
CA LYS A 239 6.69 -17.74 -16.07
C LYS A 239 5.33 -17.60 -15.40
N TYR A 240 5.32 -17.12 -14.16
CA TYR A 240 4.06 -16.95 -13.46
C TYR A 240 3.27 -15.78 -14.05
N ILE A 241 3.95 -14.74 -14.49
CA ILE A 241 3.27 -13.61 -15.16
C ILE A 241 2.54 -14.13 -16.40
N GLU A 242 3.23 -14.93 -17.20
CA GLU A 242 2.59 -15.47 -18.40
C GLU A 242 1.43 -16.39 -18.07
N GLU A 243 1.53 -17.22 -17.03
CA GLU A 243 0.42 -18.08 -16.65
C GLU A 243 -0.79 -17.24 -16.24
N ALA A 244 -0.56 -16.17 -15.49
CA ALA A 244 -1.67 -15.35 -15.02
C ALA A 244 -2.34 -14.63 -16.19
N LEU A 245 -1.55 -14.16 -17.14
CA LEU A 245 -2.10 -13.43 -18.28
C LEU A 245 -2.90 -14.34 -19.22
N ALA A 246 -2.71 -15.65 -19.13
CA ALA A 246 -3.44 -16.57 -19.99
C ALA A 246 -4.83 -16.90 -19.48
N ASN A 247 -5.18 -16.46 -18.28
N ASN A 247 -5.14 -16.50 -18.26
CA ASN A 247 -6.49 -16.75 -17.70
CA ASN A 247 -6.44 -16.69 -17.64
C ASN A 247 -7.27 -15.47 -17.55
C ASN A 247 -7.23 -15.41 -17.82
N MET A 248 -8.55 -15.54 -17.90
CA MET A 248 -9.39 -14.38 -17.93
C MET A 248 -9.77 -13.88 -16.54
N SER A 249 -9.61 -14.68 -15.51
CA SER A 249 -10.11 -14.27 -14.20
C SER A 249 -9.26 -13.12 -13.65
N SER A 250 -9.95 -12.11 -13.12
CA SER A 250 -9.31 -10.98 -12.45
C SER A 250 -8.31 -10.27 -13.34
N GLN A 251 -8.60 -10.26 -14.63
CA GLN A 251 -7.64 -9.77 -15.62
C GLN A 251 -7.13 -8.37 -15.28
N THR A 252 -8.01 -7.46 -14.85
CA THR A 252 -7.62 -6.08 -14.65
C THR A 252 -6.63 -5.91 -13.50
N TYR A 253 -6.69 -6.79 -12.50
CA TYR A 253 -5.72 -6.81 -11.40
C TYR A 253 -4.40 -7.45 -11.84
N VAL A 254 -4.49 -8.52 -12.63
CA VAL A 254 -3.28 -9.12 -13.19
C VAL A 254 -2.51 -8.09 -14.01
N PHE A 255 -3.22 -7.27 -14.78
CA PHE A 255 -2.54 -6.27 -15.62
C PHE A 255 -1.73 -5.28 -14.77
N ARG A 256 -2.23 -4.88 -13.58
CA ARG A 256 -1.53 -3.91 -12.73
C ARG A 256 -0.16 -4.43 -12.37
N TYR A 257 -0.15 -5.66 -11.86
CA TYR A 257 1.10 -6.21 -11.30
C TYR A 257 2.01 -6.71 -12.40
N ALA A 258 1.45 -7.24 -13.48
CA ALA A 258 2.28 -7.56 -14.64
C ALA A 258 2.94 -6.32 -15.19
N ALA A 259 2.22 -5.22 -15.20
CA ALA A 259 2.82 -3.98 -15.65
C ALA A 259 3.96 -3.54 -14.76
N LYS A 260 3.80 -3.62 -13.43
CA LYS A 260 4.93 -3.35 -12.55
C LYS A 260 6.11 -4.26 -12.89
N PHE A 261 5.85 -5.55 -13.03
CA PHE A 261 6.90 -6.51 -13.37
C PHE A 261 7.66 -6.07 -14.63
N TYR A 262 6.92 -5.78 -15.72
CA TYR A 262 7.57 -5.41 -16.96
C TYR A 262 8.30 -4.07 -16.86
N ARG A 263 7.74 -3.09 -16.11
CA ARG A 263 8.46 -1.83 -15.92
C ARG A 263 9.79 -2.08 -15.24
N ARG A 264 9.79 -2.91 -14.18
CA ARG A 264 11.02 -3.12 -13.43
C ARG A 264 12.00 -3.94 -14.24
N LYS A 265 11.50 -4.77 -15.17
CA LYS A 265 12.36 -5.51 -16.09
C LYS A 265 13.03 -4.61 -17.11
N GLY A 266 12.43 -3.46 -17.42
CA GLY A 266 12.91 -2.55 -18.45
C GLY A 266 12.01 -2.45 -19.67
N SER A 267 10.94 -3.23 -19.74
CA SER A 267 10.00 -3.23 -20.87
C SER A 267 8.88 -2.23 -20.58
N VAL A 268 9.24 -0.95 -20.65
CA VAL A 268 8.31 0.10 -20.19
C VAL A 268 7.15 0.26 -21.16
N ASP A 269 7.40 0.16 -22.48
CA ASP A 269 6.30 0.29 -23.44
C ASP A 269 5.25 -0.80 -23.22
N LYS A 270 5.70 -2.03 -22.96
CA LYS A 270 4.77 -3.10 -22.64
C LYS A 270 3.99 -2.81 -21.37
N ALA A 271 4.67 -2.31 -20.33
CA ALA A 271 3.98 -1.94 -19.08
C ALA A 271 2.89 -0.93 -19.36
N LEU A 272 3.22 0.10 -20.13
CA LEU A 272 2.23 1.16 -20.38
C LEU A 272 1.02 0.65 -21.11
N GLU A 273 1.21 -0.27 -22.06
CA GLU A 273 0.08 -0.81 -22.81
C GLU A 273 -0.87 -1.57 -21.88
N LEU A 274 -0.32 -2.32 -20.93
CA LEU A 274 -1.14 -3.05 -19.98
C LEU A 274 -1.88 -2.11 -19.03
N LEU A 275 -1.21 -1.06 -18.57
CA LEU A 275 -1.85 -0.13 -17.65
C LEU A 275 -2.97 0.66 -18.33
N LYS A 276 -2.77 1.01 -19.59
CA LYS A 276 -3.82 1.72 -20.32
C LYS A 276 -5.04 0.85 -20.56
N LYS A 277 -4.86 -0.48 -20.75
CA LYS A 277 -6.00 -1.39 -20.79
C LYS A 277 -6.69 -1.46 -19.43
N ALA A 278 -5.89 -1.58 -18.36
CA ALA A 278 -6.46 -1.62 -17.02
C ALA A 278 -7.24 -0.35 -16.69
N LEU A 279 -6.74 0.83 -17.15
CA LEU A 279 -7.41 2.08 -16.85
C LEU A 279 -8.78 2.16 -17.53
N GLN A 280 -8.95 1.46 -18.67
CA GLN A 280 -10.29 1.38 -19.26
C GLN A 280 -11.31 0.78 -18.31
N GLU A 281 -10.89 -0.12 -17.45
CA GLU A 281 -11.80 -0.81 -16.54
CA GLU A 281 -11.83 -0.77 -16.56
C GLU A 281 -11.91 -0.13 -15.19
N THR A 282 -10.80 0.33 -14.61
CA THR A 282 -10.84 0.94 -13.27
C THR A 282 -10.16 2.31 -13.30
N PRO A 283 -10.81 3.29 -13.93
CA PRO A 283 -10.18 4.58 -14.09
C PRO A 283 -9.95 5.35 -12.80
N THR A 284 -10.57 4.97 -11.68
CA THR A 284 -10.34 5.65 -10.41
C THR A 284 -9.17 5.06 -9.61
N SER A 285 -8.49 4.04 -10.11
CA SER A 285 -7.48 3.38 -9.30
C SER A 285 -6.24 4.26 -9.09
N VAL A 286 -5.90 4.55 -7.83
CA VAL A 286 -4.71 5.36 -7.59
C VAL A 286 -3.47 4.57 -7.84
N LEU A 287 -3.53 3.24 -7.67
CA LEU A 287 -2.39 2.41 -7.99
C LEU A 287 -2.10 2.50 -9.48
N LEU A 288 -3.13 2.40 -10.34
CA LEU A 288 -2.90 2.54 -11.77
C LEU A 288 -2.32 3.92 -12.14
N HIS A 289 -2.88 4.97 -11.58
CA HIS A 289 -2.36 6.28 -11.96
C HIS A 289 -0.92 6.44 -11.53
N HIS A 290 -0.58 5.97 -10.34
CA HIS A 290 0.82 6.04 -9.88
C HIS A 290 1.73 5.21 -10.78
N GLN A 291 1.32 3.98 -11.12
CA GLN A 291 2.14 3.14 -11.98
C GLN A 291 2.33 3.75 -13.36
N ILE A 292 1.28 4.41 -13.88
CA ILE A 292 1.40 5.08 -15.18
C ILE A 292 2.42 6.21 -15.08
N GLY A 293 2.32 7.02 -14.05
CA GLY A 293 3.33 8.06 -13.84
C GLY A 293 4.74 7.51 -13.75
N LEU A 294 4.89 6.36 -13.12
CA LEU A 294 6.22 5.77 -12.99
C LEU A 294 6.75 5.34 -14.34
N CYS A 295 5.88 4.89 -15.24
CA CYS A 295 6.32 4.54 -16.59
C CYS A 295 6.80 5.77 -17.34
N TYR A 296 6.06 6.86 -17.27
CA TYR A 296 6.50 8.09 -17.92
C TYR A 296 7.81 8.58 -17.34
N LYS A 297 7.98 8.50 -16.02
CA LYS A 297 9.23 8.83 -15.38
C LYS A 297 10.36 8.00 -15.95
N ALA A 298 10.16 6.69 -16.09
CA ALA A 298 11.20 5.82 -16.63
C ALA A 298 11.54 6.19 -18.07
N GLN A 299 10.54 6.57 -18.87
CA GLN A 299 10.80 7.01 -20.25
C GLN A 299 11.55 8.34 -20.27
N MET A 300 11.30 9.21 -19.31
CA MET A 300 12.03 10.47 -19.24
C MET A 300 13.50 10.18 -19.02
N ILE A 301 13.78 9.29 -18.08
CA ILE A 301 15.16 8.96 -17.79
C ILE A 301 15.83 8.38 -19.05
N GLN A 302 15.12 7.54 -19.80
CA GLN A 302 15.68 6.97 -21.02
C GLN A 302 16.04 8.06 -22.03
N ILE A 303 15.12 9.01 -22.27
CA ILE A 303 15.41 10.07 -23.25
C ILE A 303 16.61 10.90 -22.80
N LYS A 304 16.68 11.23 -21.52
CA LYS A 304 17.81 12.04 -21.04
C LYS A 304 19.15 11.35 -21.35
N GLU A 305 19.23 10.04 -21.13
CA GLU A 305 20.50 9.37 -21.36
C GLU A 305 20.85 9.31 -22.85
N ALA A 306 19.87 9.00 -23.71
CA ALA A 306 20.14 8.89 -25.14
C ALA A 306 20.63 10.20 -25.74
N THR A 307 20.19 11.34 -25.19
CA THR A 307 20.58 12.67 -25.64
C THR A 307 21.61 13.31 -24.71
N LYS A 308 22.19 12.53 -23.80
CA LYS A 308 23.16 13.06 -22.83
C LYS A 308 22.69 14.39 -22.23
N GLY A 309 21.42 14.41 -21.82
CA GLY A 309 20.87 15.50 -21.02
C GLY A 309 20.45 16.74 -21.79
N GLN A 310 20.64 16.79 -23.11
CA GLN A 310 20.37 17.98 -23.90
C GLN A 310 19.47 17.66 -25.08
N PRO A 311 18.26 17.18 -24.81
CA PRO A 311 17.34 16.88 -25.91
C PRO A 311 16.93 18.15 -26.61
N ARG A 312 16.74 18.04 -27.91
CA ARG A 312 16.30 19.15 -28.75
C ARG A 312 15.22 18.66 -29.69
N GLY A 313 14.53 19.62 -30.27
CA GLY A 313 13.58 19.30 -31.33
C GLY A 313 12.53 18.33 -30.85
N GLN A 314 12.34 17.26 -31.62
CA GLN A 314 11.29 16.31 -31.28
C GLN A 314 11.61 15.61 -29.97
N ASN A 315 12.89 15.42 -29.67
CA ASN A 315 13.23 14.76 -28.41
C ASN A 315 12.81 15.61 -27.23
N ARG A 316 12.94 16.93 -27.35
CA ARG A 316 12.51 17.80 -26.27
C ARG A 316 11.00 17.77 -26.11
N GLU A 317 10.26 17.76 -27.23
CA GLU A 317 8.81 17.66 -27.15
C GLU A 317 8.39 16.34 -26.48
N LYS A 318 9.05 15.22 -26.83
CA LYS A 318 8.75 13.93 -26.18
C LYS A 318 9.03 14.00 -24.70
N LEU A 319 10.15 14.61 -24.31
CA LEU A 319 10.48 14.71 -22.90
C LEU A 319 9.42 15.52 -22.16
N ASP A 320 9.02 16.64 -22.72
CA ASP A 320 7.99 17.46 -22.06
C ASP A 320 6.70 16.70 -21.94
N LYS A 321 6.37 15.87 -22.94
CA LYS A 321 5.14 15.07 -22.86
C LYS A 321 5.23 14.08 -21.73
N MET A 322 6.41 13.48 -21.52
CA MET A 322 6.57 12.53 -20.41
CA MET A 322 6.56 12.53 -20.41
C MET A 322 6.43 13.24 -19.08
N ILE A 323 7.04 14.41 -18.95
CA ILE A 323 6.98 15.13 -17.68
C ILE A 323 5.54 15.55 -17.35
N ARG A 324 4.85 16.15 -18.31
CA ARG A 324 3.50 16.64 -18.05
C ARG A 324 2.54 15.50 -17.85
N SER A 325 2.75 14.38 -18.53
CA SER A 325 1.90 13.21 -18.34
C SER A 325 2.12 12.59 -16.96
N ALA A 326 3.37 12.51 -16.52
CA ALA A 326 3.63 11.99 -15.16
C ALA A 326 3.01 12.90 -14.12
N ILE A 327 3.16 14.22 -14.30
CA ILE A 327 2.50 15.12 -13.36
C ILE A 327 0.99 14.91 -13.35
N PHE A 328 0.36 14.79 -14.54
CA PHE A 328 -1.09 14.59 -14.60
C PHE A 328 -1.50 13.37 -13.79
N HIS A 329 -0.82 12.26 -14.00
CA HIS A 329 -1.19 11.00 -13.33
C HIS A 329 -0.86 11.00 -11.83
N PHE A 330 0.28 11.57 -11.41
CA PHE A 330 0.55 11.70 -9.97
C PHE A 330 -0.45 12.62 -9.29
N GLU A 331 -0.82 13.75 -9.95
CA GLU A 331 -1.88 14.60 -9.43
C GLU A 331 -3.21 13.84 -9.33
N SER A 332 -3.51 12.98 -10.32
CA SER A 332 -4.76 12.23 -10.29
CA SER A 332 -4.76 12.21 -10.29
C SER A 332 -4.78 11.29 -9.09
N ALA A 333 -3.66 10.66 -8.82
CA ALA A 333 -3.56 9.73 -7.70
C ALA A 333 -3.79 10.44 -6.38
N VAL A 334 -3.18 11.63 -6.21
CA VAL A 334 -3.28 12.28 -4.90
C VAL A 334 -4.61 13.04 -4.73
N GLU A 335 -5.30 13.38 -5.81
CA GLU A 335 -6.64 13.92 -5.70
C GLU A 335 -7.59 12.89 -5.17
N LYS A 336 -7.44 11.65 -5.64
CA LYS A 336 -8.31 10.58 -5.22
C LYS A 336 -7.96 10.03 -3.85
N LYS A 337 -6.68 10.02 -3.47
CA LYS A 337 -6.25 9.49 -2.17
C LYS A 337 -5.22 10.47 -1.60
N PRO A 338 -5.68 11.48 -0.87
CA PRO A 338 -4.74 12.49 -0.38
C PRO A 338 -3.76 11.99 0.62
N THR A 339 -3.93 10.79 1.18
CA THR A 339 -2.96 10.22 2.12
C THR A 339 -1.92 9.32 1.43
N PHE A 340 -1.87 9.31 0.09
CA PHE A 340 -0.98 8.46 -0.67
C PHE A 340 0.40 9.14 -0.67
N GLU A 341 1.19 8.91 0.40
CA GLU A 341 2.38 9.73 0.62
C GLU A 341 3.40 9.62 -0.51
N VAL A 342 3.72 8.41 -0.97
CA VAL A 342 4.81 8.30 -1.93
C VAL A 342 4.40 8.90 -3.29
N ALA A 343 3.10 8.99 -3.59
CA ALA A 343 2.68 9.61 -4.86
C ALA A 343 2.94 11.11 -4.77
N HIS A 344 2.76 11.71 -3.59
CA HIS A 344 3.09 13.14 -3.43
C HIS A 344 4.59 13.35 -3.58
N LEU A 345 5.37 12.38 -3.15
CA LEU A 345 6.81 12.54 -3.24
C LEU A 345 7.26 12.42 -4.68
N ASP A 346 6.74 11.46 -5.45
CA ASP A 346 7.06 11.38 -6.86
C ASP A 346 6.58 12.65 -7.58
N LEU A 347 5.44 13.17 -7.17
CA LEU A 347 4.92 14.40 -7.79
C LEU A 347 5.84 15.57 -7.52
N ALA A 348 6.24 15.77 -6.27
CA ALA A 348 7.18 16.86 -5.97
C ALA A 348 8.45 16.72 -6.81
N ARG A 349 9.00 15.52 -6.92
CA ARG A 349 10.22 15.32 -7.68
C ARG A 349 9.99 15.61 -9.15
N MET A 350 8.79 15.35 -9.65
CA MET A 350 8.54 15.65 -11.07
C MET A 350 8.34 17.14 -11.30
N TYR A 351 7.79 17.87 -10.35
CA TYR A 351 7.74 19.33 -10.51
C TYR A 351 9.15 19.92 -10.60
N ILE A 352 10.13 19.33 -9.91
CA ILE A 352 11.53 19.75 -10.07
C ILE A 352 11.96 19.57 -11.52
N GLU A 353 11.67 18.41 -12.12
CA GLU A 353 12.02 18.18 -13.51
C GLU A 353 11.34 19.17 -14.43
N ALA A 354 10.13 19.63 -14.08
CA ALA A 354 9.39 20.57 -14.91
C ALA A 354 9.87 21.99 -14.69
N GLY A 355 10.73 22.20 -13.70
CA GLY A 355 11.23 23.54 -13.44
C GLY A 355 10.35 24.41 -12.58
N ASN A 356 9.37 23.81 -11.90
CA ASN A 356 8.42 24.54 -11.04
C ASN A 356 8.77 24.27 -9.57
N HIS A 357 9.70 25.09 -9.07
CA HIS A 357 10.19 24.87 -7.73
C HIS A 357 9.14 25.23 -6.68
N ARG A 358 8.25 26.18 -6.98
CA ARG A 358 7.22 26.52 -6.02
C ARG A 358 6.23 25.38 -5.80
N LYS A 359 5.84 24.68 -6.86
CA LYS A 359 4.96 23.54 -6.66
C LYS A 359 5.68 22.37 -6.03
N ALA A 360 6.95 22.13 -6.38
CA ALA A 360 7.73 21.14 -5.65
C ALA A 360 7.72 21.43 -4.16
N GLU A 361 8.06 22.66 -3.78
CA GLU A 361 8.11 23.04 -2.37
C GLU A 361 6.76 22.82 -1.69
N GLU A 362 5.67 23.18 -2.37
CA GLU A 362 4.34 23.03 -1.80
C GLU A 362 4.07 21.59 -1.43
N ASN A 363 4.41 20.68 -2.33
CA ASN A 363 4.16 19.27 -2.08
C ASN A 363 5.10 18.75 -1.02
N PHE A 364 6.36 19.21 -0.98
CA PHE A 364 7.23 18.78 0.11
C PHE A 364 6.68 19.25 1.44
N GLN A 365 6.17 20.49 1.50
CA GLN A 365 5.62 20.98 2.77
C GLN A 365 4.45 20.13 3.22
N LYS A 366 3.59 19.73 2.28
CA LYS A 366 2.52 18.80 2.63
C LYS A 366 3.07 17.52 3.22
N LEU A 367 4.12 16.96 2.59
CA LEU A 367 4.67 15.68 3.01
C LEU A 367 5.22 15.77 4.41
N LEU A 368 5.84 16.91 4.76
CA LEU A 368 6.48 17.03 6.06
C LEU A 368 5.48 16.96 7.20
N CYS A 369 4.20 17.19 6.94
CA CYS A 369 3.12 17.11 7.94
C CYS A 369 2.47 15.74 8.03
N MET A 370 2.79 14.82 7.15
CA MET A 370 2.06 13.56 7.14
C MET A 370 2.62 12.60 8.19
N LYS A 371 1.82 11.58 8.48
CA LYS A 371 2.18 10.55 9.47
C LYS A 371 2.01 9.19 8.81
N PRO A 372 2.95 8.79 7.97
CA PRO A 372 2.82 7.54 7.23
C PRO A 372 2.77 6.34 8.13
N VAL A 373 1.98 5.35 7.71
CA VAL A 373 1.99 4.05 8.37
C VAL A 373 3.40 3.48 8.40
N VAL A 374 4.11 3.62 7.28
CA VAL A 374 5.50 3.20 7.20
C VAL A 374 6.37 4.37 7.64
N GLU A 375 6.90 4.29 8.84
CA GLU A 375 7.57 5.46 9.41
C GLU A 375 8.83 5.81 8.66
N GLU A 376 9.49 4.82 8.07
CA GLU A 376 10.73 5.06 7.32
C GLU A 376 10.51 5.98 6.11
N THR A 377 9.29 6.03 5.57
CA THR A 377 9.04 6.92 4.43
C THR A 377 9.43 8.36 4.74
N MET A 378 9.39 8.76 6.01
CA MET A 378 9.79 10.11 6.32
CA MET A 378 9.81 10.11 6.36
C MET A 378 11.29 10.32 6.11
N GLN A 379 12.09 9.24 6.13
CA GLN A 379 13.51 9.38 5.73
C GLN A 379 13.62 9.87 4.29
N ASP A 380 12.83 9.26 3.39
CA ASP A 380 12.86 9.67 1.97
C ASP A 380 12.33 11.07 1.77
N ILE A 381 11.30 11.43 2.56
CA ILE A 381 10.77 12.79 2.44
C ILE A 381 11.83 13.81 2.81
N HIS A 382 12.50 13.64 3.98
CA HIS A 382 13.57 14.58 4.38
C HIS A 382 14.76 14.54 3.43
N PHE A 383 15.13 13.34 2.95
CA PHE A 383 16.28 13.25 2.05
C PHE A 383 16.02 14.01 0.76
N HIS A 384 14.88 13.75 0.12
CA HIS A 384 14.65 14.42 -1.16
C HIS A 384 14.41 15.90 -0.95
N TYR A 385 13.82 16.29 0.17
CA TYR A 385 13.67 17.74 0.41
C TYR A 385 15.04 18.38 0.65
N GLY A 386 15.92 17.69 1.38
CA GLY A 386 17.28 18.17 1.55
C GLY A 386 18.01 18.36 0.24
N ARG A 387 17.90 17.40 -0.69
CA ARG A 387 18.50 17.55 -2.00
CA ARG A 387 18.50 17.54 -2.01
C ARG A 387 17.92 18.74 -2.76
N PHE A 388 16.59 18.89 -2.75
CA PHE A 388 15.96 20.07 -3.33
C PHE A 388 16.54 21.35 -2.74
N GLN A 389 16.66 21.40 -1.43
CA GLN A 389 17.23 22.59 -0.78
C GLN A 389 18.66 22.83 -1.23
N GLU A 390 19.49 21.78 -1.29
CA GLU A 390 20.88 21.95 -1.66
C GLU A 390 21.01 22.38 -3.12
N PHE A 391 20.32 21.69 -4.02
CA PHE A 391 20.61 21.80 -5.45
C PHE A 391 19.69 22.74 -6.20
N GLN A 392 18.42 22.86 -5.82
CA GLN A 392 17.52 23.81 -6.47
C GLN A 392 17.40 25.12 -5.74
N LYS A 393 17.31 25.11 -4.42
CA LYS A 393 17.23 26.35 -3.66
C LYS A 393 18.59 26.93 -3.25
N LYS A 394 19.69 26.22 -3.45
CA LYS A 394 21.03 26.66 -3.05
C LYS A 394 21.08 27.09 -1.59
N SER A 395 20.43 26.31 -0.70
CA SER A 395 20.35 26.59 0.73
C SER A 395 21.02 25.45 1.49
N ASP A 396 22.32 25.59 1.76
CA ASP A 396 22.98 24.56 2.57
C ASP A 396 22.40 24.49 3.97
N VAL A 397 21.93 25.62 4.50
CA VAL A 397 21.35 25.63 5.83
C VAL A 397 20.19 24.64 5.90
N ASN A 398 19.27 24.73 4.95
CA ASN A 398 18.08 23.89 5.03
C ASN A 398 18.36 22.47 4.58
N ALA A 399 19.29 22.30 3.65
CA ALA A 399 19.72 20.95 3.27
C ALA A 399 20.23 20.19 4.49
N ILE A 400 21.12 20.82 5.26
CA ILE A 400 21.67 20.15 6.45
C ILE A 400 20.55 19.78 7.42
N ILE A 401 19.64 20.73 7.67
CA ILE A 401 18.55 20.46 8.58
C ILE A 401 17.82 19.19 8.17
N HIS A 402 17.53 19.04 6.88
CA HIS A 402 16.72 17.89 6.49
C HIS A 402 17.53 16.63 6.32
N TYR A 403 18.81 16.72 5.90
CA TYR A 403 19.61 15.50 5.94
C TYR A 403 19.69 14.98 7.37
N LEU A 404 19.85 15.89 8.34
CA LEU A 404 19.93 15.45 9.73
C LEU A 404 18.61 14.84 10.20
N LYS A 405 17.48 15.39 9.75
CA LYS A 405 16.21 14.79 10.16
C LYS A 405 16.04 13.38 9.59
N ALA A 406 16.55 13.13 8.37
CA ALA A 406 16.48 11.79 7.82
C ALA A 406 17.33 10.84 8.65
N ILE A 407 18.53 11.29 9.02
CA ILE A 407 19.48 10.47 9.81
C ILE A 407 18.97 10.17 11.20
N LYS A 408 18.25 11.11 11.79
CA LYS A 408 17.70 10.93 13.13
C LYS A 408 16.68 9.81 13.19
N ILE A 409 16.05 9.47 12.07
CA ILE A 409 15.17 8.29 12.01
C ILE A 409 16.13 7.10 11.90
N GLU A 410 16.32 6.36 13.00
CA GLU A 410 17.52 5.54 13.08
C GLU A 410 17.50 4.29 12.21
N GLN A 411 16.32 3.78 11.83
CA GLN A 411 16.25 2.55 11.05
C GLN A 411 17.21 2.56 9.86
N ALA A 412 18.12 1.59 9.81
CA ALA A 412 19.10 1.53 8.73
C ALA A 412 18.41 1.22 7.41
N SER A 413 18.77 1.97 6.37
CA SER A 413 18.05 1.84 5.11
C SER A 413 18.90 2.40 4.00
N LEU A 414 18.49 2.11 2.77
CA LEU A 414 19.13 2.72 1.60
C LEU A 414 19.18 4.24 1.73
N THR A 415 18.08 4.86 2.12
CA THR A 415 18.00 6.33 2.15
C THR A 415 18.78 6.90 3.31
N ARG A 416 18.84 6.20 4.45
CA ARG A 416 19.59 6.79 5.54
C ARG A 416 21.07 6.85 5.19
N ASP A 417 21.56 5.82 4.50
CA ASP A 417 22.94 5.80 4.05
C ASP A 417 23.20 6.88 3.03
N LYS A 418 22.26 7.09 2.10
CA LYS A 418 22.43 8.21 1.14
C LYS A 418 22.43 9.55 1.85
N SER A 419 21.64 9.69 2.94
CA SER A 419 21.57 10.97 3.63
C SER A 419 22.87 11.28 4.35
N ILE A 420 23.47 10.25 4.96
CA ILE A 420 24.79 10.41 5.56
C ILE A 420 25.79 10.81 4.48
N ASN A 421 25.78 10.14 3.32
CA ASN A 421 26.76 10.44 2.28
C ASN A 421 26.55 11.84 1.70
N SER A 422 25.29 12.26 1.55
CA SER A 422 25.00 13.61 1.03
C SER A 422 25.44 14.69 2.01
N LEU A 423 25.21 14.47 3.31
CA LEU A 423 25.68 15.42 4.31
C LEU A 423 27.20 15.52 4.28
N LYS A 424 27.88 14.38 4.16
CA LYS A 424 29.33 14.38 4.13
C LYS A 424 29.82 15.18 2.92
N LYS A 425 29.24 14.90 1.76
CA LYS A 425 29.65 15.63 0.55
C LYS A 425 29.44 17.12 0.72
N LEU A 426 28.32 17.51 1.32
CA LEU A 426 28.04 18.94 1.45
C LEU A 426 29.05 19.60 2.37
N VAL A 427 29.33 18.98 3.52
CA VAL A 427 30.21 19.61 4.49
C VAL A 427 31.65 19.65 3.97
N LEU A 428 32.08 18.61 3.27
CA LEU A 428 33.42 18.63 2.68
C LEU A 428 33.55 19.77 1.70
N ARG A 429 32.49 20.04 0.93
CA ARG A 429 32.47 21.19 0.02
C ARG A 429 32.63 22.50 0.78
N LYS A 430 31.90 22.66 1.88
CA LYS A 430 32.00 23.91 2.62
C LYS A 430 33.39 24.07 3.22
N LEU A 431 33.99 22.98 3.72
CA LEU A 431 35.31 23.11 4.31
C LEU A 431 36.37 23.45 3.27
N ARG A 432 36.14 23.11 2.00
CA ARG A 432 37.07 23.52 0.94
C ARG A 432 37.03 25.03 0.71
N ARG A 433 35.86 25.65 0.88
CA ARG A 433 35.75 27.09 0.79
C ARG A 433 36.08 27.81 2.09
N LYS A 434 36.24 27.08 3.19
CA LYS A 434 36.54 27.68 4.47
C LYS A 434 36.95 26.58 5.44
N ALA A 435 38.27 26.40 5.62
CA ALA A 435 38.77 25.24 6.33
C ALA A 435 38.48 25.29 7.82
N LEU A 436 38.22 26.48 8.37
CA LEU A 436 38.03 26.64 9.79
C LEU A 436 36.59 27.02 10.11
N ASP A 437 35.64 26.45 9.39
CA ASP A 437 34.24 26.58 9.73
C ASP A 437 33.96 25.62 10.88
N LEU A 438 33.65 26.16 12.05
CA LEU A 438 33.51 25.31 13.23
C LEU A 438 32.31 24.37 13.10
N GLU A 439 31.17 24.88 12.62
CA GLU A 439 29.98 24.04 12.47
C GLU A 439 30.23 22.88 11.51
N SER A 440 30.92 23.16 10.42
CA SER A 440 31.23 22.13 9.44
C SER A 440 32.21 21.10 10.01
N LEU A 441 33.15 21.54 10.86
CA LEU A 441 34.08 20.58 11.42
C LEU A 441 33.37 19.59 12.33
N SER A 442 32.44 20.06 13.14
CA SER A 442 31.77 19.13 14.04
C SER A 442 30.77 18.28 13.28
N LEU A 443 30.16 18.79 12.19
CA LEU A 443 29.28 17.92 11.40
C LEU A 443 30.07 16.81 10.73
N LEU A 444 31.30 17.12 10.30
CA LEU A 444 32.12 16.10 9.69
C LEU A 444 32.54 15.07 10.72
N GLY A 445 32.82 15.51 11.95
CA GLY A 445 33.03 14.58 13.03
C GLY A 445 31.83 13.70 13.29
N PHE A 446 30.63 14.29 13.24
CA PHE A 446 29.40 13.53 13.40
C PHE A 446 29.29 12.46 12.33
N VAL A 447 29.55 12.85 11.09
CA VAL A 447 29.45 11.91 9.99
C VAL A 447 30.40 10.75 10.20
N TYR A 448 31.66 11.05 10.51
CA TYR A 448 32.63 9.98 10.72
C TYR A 448 32.21 9.09 11.89
N LYS A 449 31.67 9.69 12.93
CA LYS A 449 31.18 8.89 14.05
C LYS A 449 30.09 7.92 13.61
N LEU A 450 29.15 8.38 12.79
CA LEU A 450 28.09 7.49 12.37
C LEU A 450 28.61 6.38 11.47
N GLU A 451 29.69 6.66 10.75
CA GLU A 451 30.33 5.65 9.91
C GLU A 451 31.16 4.66 10.72
N GLY A 452 31.60 5.03 11.92
CA GLY A 452 32.39 4.17 12.78
C GLY A 452 33.83 4.61 13.00
N ASN A 453 34.32 5.62 12.29
CA ASN A 453 35.72 6.06 12.39
C ASN A 453 35.91 6.97 13.60
N MET A 454 36.13 6.36 14.76
CA MET A 454 36.06 7.13 16.00
C MET A 454 37.26 8.06 16.17
N ASN A 455 38.41 7.72 15.58
CA ASN A 455 39.57 8.57 15.79
C ASN A 455 39.47 9.82 14.93
N GLU A 456 39.12 9.62 13.65
CA GLU A 456 38.86 10.76 12.76
C GLU A 456 37.75 11.63 13.32
N ALA A 457 36.69 11.01 13.82
CA ALA A 457 35.61 11.79 14.40
C ALA A 457 36.12 12.67 15.52
N GLU A 458 36.80 12.09 16.53
CA GLU A 458 37.19 12.90 17.68
C GLU A 458 38.20 13.97 17.26
N GLU A 459 39.05 13.67 16.27
CA GLU A 459 39.93 14.67 15.71
C GLU A 459 39.16 15.94 15.30
N TYR A 460 38.09 15.77 14.50
CA TYR A 460 37.36 16.92 14.00
C TYR A 460 36.54 17.57 15.12
N TYR A 461 36.00 16.77 16.03
CA TYR A 461 35.30 17.35 17.16
C TYR A 461 36.24 18.18 18.03
N GLU A 462 37.46 17.65 18.27
CA GLU A 462 38.46 18.40 19.03
C GLU A 462 38.85 19.67 18.28
N ARG A 463 39.30 19.51 17.02
CA ARG A 463 39.65 20.66 16.20
C ARG A 463 38.57 21.73 16.28
N ALA A 464 37.29 21.32 16.21
CA ALA A 464 36.19 22.27 16.31
C ALA A 464 36.15 22.91 17.70
N GLU A 465 36.47 22.13 18.74
CA GLU A 465 36.42 22.66 20.10
C GLU A 465 37.47 23.75 20.30
N ARG A 466 38.72 23.49 19.89
CA ARG A 466 39.81 24.46 20.03
C ARG A 466 39.37 25.85 19.56
N LEU A 467 38.93 25.94 18.31
CA LEU A 467 38.61 27.23 17.71
C LEU A 467 37.69 28.05 18.61
N ALA A 468 36.65 27.43 19.16
CA ALA A 468 35.76 28.14 20.06
C ALA A 468 36.50 28.69 21.29
O36 G3A B 1 -9.06 -15.00 -3.72
C36 G3A B 1 -9.32 -14.00 -3.05
N31 G3A B 1 -10.34 -13.95 -2.16
C32 G3A B 1 -10.68 -12.80 -1.42
N32 G3A B 1 -11.77 -12.89 -0.57
N33 G3A B 1 -9.95 -11.59 -1.60
C35 G3A B 1 -8.57 -12.74 -3.22
C34 G3A B 1 -8.87 -11.63 -2.45
N37 G3A B 1 -7.55 -12.43 -4.00
C38 G3A B 1 -7.22 -11.13 -3.71
N39 G3A B 1 -8.04 -10.64 -2.78
C41 G3A B 1 -8.10 -9.41 -2.10
O44 G3A B 1 -8.90 -8.51 -3.02
C42 G3A B 1 -6.87 -8.77 -2.08
O42 G3A B 1 -6.12 -8.98 -0.88
C43 G3A B 1 -7.19 -7.21 -2.09
O43 G3A B 1 -7.35 -6.71 -0.76
C44 G3A B 1 -8.38 -7.11 -2.88
C45 G3A B 1 -8.17 -6.61 -4.26
O45 G3A B 1 -8.10 -5.13 -4.30
PA G3A B 1 -6.74 -4.42 -4.63
O1A G3A B 1 -7.01 -3.09 -5.31
O2A G3A B 1 -5.80 -5.29 -5.40
O1 G3A B 1 -6.09 -4.12 -3.24
PB G3A B 1 -6.57 -3.24 -2.01
O2B G3A B 1 -6.53 -4.11 -0.78
O3B G3A B 1 -7.85 -2.58 -2.36
O3A G3A B 1 -5.33 -2.27 -2.00
PG G3A B 1 -4.81 -0.84 -1.47
O1G G3A B 1 -5.30 -0.59 -0.09
O2G G3A B 1 -5.15 0.17 -2.52
O25 G3A B 1 -3.24 -1.11 -1.44
C25 G3A B 1 -2.49 -1.05 -2.66
C24 G3A B 1 -1.03 -1.03 -2.32
C23 G3A B 1 -0.58 -2.38 -1.55
O23 G3A B 1 0.75 -2.79 -2.06
C22 G3A B 1 -0.58 -1.99 -0.32
O22 G3A B 1 0.40 -2.74 0.52
O24 G3A B 1 -0.72 -0.05 -1.46
C21 G3A B 1 -0.13 -0.49 -0.21
N19 G3A B 1 -0.55 0.25 0.87
C14 G3A B 1 0.13 1.04 1.70
N13 G3A B 1 1.46 1.27 1.67
C12 G3A B 1 1.95 2.16 2.60
N11 G3A B 1 1.10 2.75 3.49
C18 G3A B 1 -1.89 0.35 1.25
N17 G3A B 1 -1.98 1.16 2.36
C15 G3A B 1 -0.72 1.64 2.57
C16 G3A B 1 -0.22 2.49 3.51
N16 G3A B 1 -0.96 3.18 4.46
HN31 G3A B 1 -10.87 -14.70 -2.07
H321 G3A B 1 -11.99 -12.16 -0.04
H322 G3A B 1 -12.22 -13.69 -0.49
H38 G3A B 1 -6.45 -10.63 -4.12
H41 G3A B 1 -8.50 -9.50 -1.20
H42 G3A B 1 -6.33 -9.02 -2.87
HO42 G3A B 1 -6.00 -9.86 -0.75
H43 G3A B 1 -6.47 -6.73 -2.54
HO43 G3A B 1 -6.56 -6.53 -0.41
H44 G3A B 1 -9.06 -6.52 -2.39
H451 G3A B 1 -7.32 -6.97 -4.62
H452 G3A B 1 -8.90 -6.90 -4.83
H251 G3A B 1 -2.72 -0.23 -3.15
H252 G3A B 1 -2.68 -1.84 -3.22
H24 G3A B 1 -0.51 -0.92 -3.14
H23 G3A B 1 -1.23 -3.09 -1.69
HO23 G3A B 1 1.38 -2.44 -1.54
H22 G3A B 1 -1.48 -2.09 0.06
HO22 G3A B 1 -0.05 -3.21 1.16
H21 G3A B 1 0.85 -0.44 -0.27
H12 G3A B 1 2.91 2.36 2.62
H18 G3A B 1 -2.61 -0.14 0.84
H161 G3A B 1 -0.54 3.76 5.03
H162 G3A B 1 -1.85 3.05 4.54
C1 PGE C . -22.45 6.60 12.77
O1 PGE C . -22.97 6.88 11.46
C2 PGE C . -23.38 5.60 13.44
O2 PGE C . -23.47 5.85 14.84
C3 PGE C . -24.46 6.79 15.13
C4 PGE C . -24.41 7.21 16.59
O4 PGE C . -28.11 10.17 16.37
C6 PGE C . -26.71 10.11 16.61
C5 PGE C . -26.28 8.68 16.39
O3 PGE C . -24.89 8.53 16.64
H1 PGE C . -22.42 7.50 13.39
H12 PGE C . -21.44 6.17 12.73
HO1 PGE C . -22.26 7.30 10.96
H2 PGE C . -24.37 5.66 12.97
H22 PGE C . -22.99 4.58 13.25
H3 PGE C . -24.34 7.69 14.49
H32 PGE C . -25.47 6.38 14.91
H4 PGE C . -23.37 7.14 16.94
H42 PGE C . -25.03 6.53 17.18
HO4 PGE C . -28.37 11.10 16.37
H6 PGE C . -26.15 10.76 15.93
H62 PGE C . -26.47 10.39 17.65
H5 PGE C . -26.87 8.03 17.05
H52 PGE C . -26.51 8.40 15.35
CA CA D . -14.58 -11.52 -14.11
CA CA E . -25.62 -3.97 -6.94
#